data_1JOW
#
_entry.id   1JOW
#
_cell.length_a   70.140
_cell.length_b   70.140
_cell.length_c   448.770
_cell.angle_alpha   90.00
_cell.angle_beta   90.00
_cell.angle_gamma   120.00
#
_symmetry.space_group_name_H-M   'P 65 2 2'
#
loop_
_entity.id
_entity.type
_entity.pdbx_description
1 polymer 'CYCLIN HOMOLOG'
2 polymer 'CELL DIVISION PROTEIN KINASE 6'
#
loop_
_entity_poly.entity_id
_entity_poly.type
_entity_poly.pdbx_seq_one_letter_code
_entity_poly.pdbx_strand_id
1 'polypeptide(L)'
;MADSPNRLNRAKIDSTTMKDPRVLNNLKLRELLLPKFTSLWEIQTEVTVDNRTILLTWMHLLCESFELDKSVFPLSVSIL
DRYLCKKQGTKKTLQKIGAACVLIGSKIRTVKPMTVSKLTYLSCDCFTNLELINQEKDILEALKWDTEAVLATDFLIPLC
NALKIPEDLWPQLYEAASTTICKALIQPNIALLSPGLICAGGLLTTIETDNTNCRPWTCYLEDLSSILNFSTNTVRTVKD
QVSEAFSLYDLEIL
;
A
2 'polypeptide(L)'
;MEKDGLCRADQQYECVAEIGEGAYGKVFKARDLKNGGRFVALKRVRVQTGEEGMPLSTIREVAVLRHLETFEHPNVVRLF
DVCTVSRTDRETKLTLVFEHVDQDLTTYLDKVPEPGVPTETIKDMMFQLLRGLDFLHSHRVVHRDLKPQNILVTSSGQIK
LADFGLARIYSFQMALTSVVVTLWYRAPEVLLQSSYATPVDLWSVGCIFAEMFRRKPLFRGSSDVDQLGKILDVIGLPGE
EDWPRDVALPRQAFHSKSAQPIEKFVTDIDELGKDLLLKCLTFNPAKRISAYSALSHPYFQDLERCKE
;
B
#
# COMPACT_ATOMS: atom_id res chain seq x y z
N ASN A 9 18.94 2.59 3.33
CA ASN A 9 17.82 1.61 3.32
C ASN A 9 17.53 1.18 1.87
N ARG A 10 17.20 -0.09 1.67
CA ARG A 10 16.90 -0.57 0.32
C ARG A 10 15.69 0.24 -0.20
N ALA A 11 15.76 0.70 -1.44
CA ALA A 11 14.69 1.51 -2.01
C ALA A 11 14.10 0.98 -3.30
N LYS A 12 12.77 0.85 -3.29
CA LYS A 12 11.98 0.35 -4.41
C LYS A 12 12.39 0.78 -5.81
N ILE A 13 12.66 -0.20 -6.67
CA ILE A 13 13.03 0.08 -8.04
C ILE A 13 11.77 -0.13 -8.86
N ASP A 14 11.89 -0.24 -10.19
CA ASP A 14 10.71 -0.44 -11.03
C ASP A 14 9.89 -1.71 -10.73
N SER A 15 8.74 -1.83 -11.40
CA SER A 15 7.87 -3.00 -11.23
C SER A 15 6.73 -2.92 -12.22
N THR A 16 7.06 -3.03 -13.51
CA THR A 16 6.07 -2.93 -14.57
C THR A 16 4.65 -3.30 -14.16
N THR A 17 4.49 -4.32 -13.33
CA THR A 17 3.15 -4.69 -12.89
C THR A 17 2.68 -3.69 -11.83
N MET A 18 3.06 -2.42 -11.97
CA MET A 18 2.69 -1.36 -11.00
C MET A 18 3.14 -0.02 -11.56
N LYS A 19 3.77 -0.08 -12.73
CA LYS A 19 4.30 1.09 -13.40
C LYS A 19 4.08 1.14 -14.91
N ASP A 20 3.74 0.02 -15.55
CA ASP A 20 3.53 0.06 -17.00
C ASP A 20 2.16 -0.31 -17.59
N PRO A 21 1.22 -0.83 -16.80
CA PRO A 21 -0.08 -1.18 -17.40
C PRO A 21 -1.19 -0.21 -17.02
N ARG A 22 -2.41 -0.51 -17.43
CA ARG A 22 -3.59 0.30 -17.11
C ARG A 22 -3.75 0.60 -15.62
N VAL A 23 -2.99 1.56 -15.11
CA VAL A 23 -3.08 1.93 -13.69
C VAL A 23 -3.51 3.39 -13.56
N LEU A 24 -3.17 4.23 -14.54
CA LEU A 24 -3.60 5.64 -14.51
C LEU A 24 -5.09 5.50 -14.41
N ASN A 25 -5.58 4.57 -15.24
CA ASN A 25 -6.98 4.23 -15.36
C ASN A 25 -7.69 4.05 -14.02
N ASN A 26 -7.00 3.45 -13.06
CA ASN A 26 -7.56 3.22 -11.74
C ASN A 26 -7.21 4.38 -10.83
N LEU A 27 -6.03 4.95 -11.04
CA LEU A 27 -5.61 6.10 -10.27
C LEU A 27 -6.68 7.14 -10.50
N LYS A 28 -6.98 7.38 -11.79
CA LYS A 28 -8.03 8.30 -12.20
C LYS A 28 -9.32 7.85 -11.52
N LEU A 29 -9.74 6.64 -11.83
CA LEU A 29 -10.96 6.09 -11.22
C LEU A 29 -11.03 6.37 -9.72
N ARG A 30 -9.93 6.11 -9.01
CA ARG A 30 -9.88 6.32 -7.57
C ARG A 30 -9.70 7.79 -7.25
N GLU A 31 -9.24 8.56 -8.22
CA GLU A 31 -9.08 9.99 -8.01
C GLU A 31 -10.51 10.49 -7.79
N LEU A 32 -11.39 10.11 -8.72
CA LEU A 32 -12.80 10.45 -8.67
C LEU A 32 -13.48 9.86 -7.43
N LEU A 33 -12.73 9.46 -6.41
CA LEU A 33 -13.37 8.91 -5.23
C LEU A 33 -13.69 9.96 -4.16
N LEU A 34 -12.81 10.95 -3.97
CA LEU A 34 -13.05 12.00 -2.98
C LEU A 34 -13.34 13.37 -3.62
N PRO A 35 -14.61 13.82 -3.58
CA PRO A 35 -15.10 15.09 -4.12
C PRO A 35 -14.21 16.32 -3.91
N LYS A 36 -14.16 17.17 -4.94
CA LYS A 36 -13.36 18.39 -4.91
C LYS A 36 -13.83 19.35 -3.84
N PHE A 37 -12.88 19.94 -3.12
CA PHE A 37 -13.21 20.90 -2.09
C PHE A 37 -13.62 22.16 -2.87
N THR A 38 -14.89 22.56 -2.78
CA THR A 38 -15.34 23.76 -3.51
C THR A 38 -14.57 24.98 -3.03
N SER A 39 -14.35 25.05 -1.72
CA SER A 39 -13.61 26.14 -1.12
C SER A 39 -12.76 25.60 0.04
N LEU A 40 -11.45 25.61 -0.15
CA LEU A 40 -10.49 25.14 0.84
C LEU A 40 -10.80 25.56 2.28
N TRP A 41 -10.90 24.57 3.17
CA TRP A 41 -11.21 24.83 4.57
C TRP A 41 -12.44 25.73 4.68
N GLU A 42 -13.48 25.36 3.93
CA GLU A 42 -14.72 26.13 3.89
C GLU A 42 -15.47 26.21 5.21
N ILE A 43 -15.29 25.19 6.05
CA ILE A 43 -15.99 25.09 7.33
C ILE A 43 -15.29 25.70 8.54
N GLN A 44 -14.08 26.17 8.33
CA GLN A 44 -13.34 26.77 9.42
C GLN A 44 -13.93 28.04 9.94
N THR A 45 -13.99 28.12 11.26
CA THR A 45 -14.55 29.29 11.92
C THR A 45 -13.49 30.09 12.66
N GLU A 46 -12.28 29.54 12.77
CA GLU A 46 -11.20 30.24 13.48
C GLU A 46 -9.85 30.30 12.77
N VAL A 47 -9.40 29.17 12.22
CA VAL A 47 -8.11 29.16 11.52
C VAL A 47 -8.36 29.46 10.04
N THR A 48 -7.36 30.00 9.35
CA THR A 48 -7.54 30.38 7.95
C THR A 48 -6.59 29.77 6.94
N VAL A 49 -6.86 30.04 5.67
CA VAL A 49 -6.01 29.57 4.61
C VAL A 49 -4.59 29.96 5.00
N ASP A 50 -4.40 31.23 5.28
CA ASP A 50 -3.09 31.77 5.68
C ASP A 50 -2.46 30.91 6.76
N ASN A 51 -3.30 30.42 7.67
CA ASN A 51 -2.85 29.57 8.78
C ASN A 51 -2.39 28.20 8.25
N ARG A 52 -3.09 27.70 7.24
CA ARG A 52 -2.78 26.41 6.63
C ARG A 52 -1.44 26.47 5.93
N THR A 53 -1.26 27.47 5.08
CA THR A 53 -0.02 27.62 4.34
C THR A 53 1.15 27.60 5.29
N ILE A 54 1.06 28.40 6.35
CA ILE A 54 2.12 28.47 7.35
C ILE A 54 2.38 27.07 7.94
N LEU A 55 1.31 26.41 8.41
CA LEU A 55 1.44 25.08 8.99
C LEU A 55 2.00 24.11 7.96
N LEU A 56 1.42 24.09 6.76
CA LEU A 56 1.92 23.19 5.73
C LEU A 56 3.41 23.32 5.42
N THR A 57 3.96 24.54 5.48
CA THR A 57 5.39 24.67 5.20
C THR A 57 6.20 24.17 6.39
N TRP A 58 5.60 24.15 7.58
CA TRP A 58 6.27 23.66 8.79
C TRP A 58 6.28 22.13 8.78
N MET A 59 5.30 21.57 8.07
CA MET A 59 5.16 20.13 7.93
C MET A 59 6.07 19.68 6.78
N HIS A 60 6.02 20.42 5.67
CA HIS A 60 6.87 20.11 4.52
C HIS A 60 8.28 19.95 5.05
N LEU A 61 8.68 20.95 5.84
CA LEU A 61 9.99 21.04 6.44
C LEU A 61 10.26 19.89 7.38
N LEU A 62 9.21 19.42 8.05
CA LEU A 62 9.34 18.31 9.00
C LEU A 62 9.80 17.06 8.27
N CYS A 63 9.17 16.81 7.13
CA CYS A 63 9.48 15.66 6.30
C CYS A 63 10.79 15.84 5.53
N GLU A 64 11.00 16.99 4.93
CA GLU A 64 12.23 17.17 4.18
C GLU A 64 13.45 17.02 5.10
N SER A 65 13.43 17.70 6.25
CA SER A 65 14.54 17.66 7.21
C SER A 65 14.80 16.27 7.80
N PHE A 66 13.73 15.48 7.96
CA PHE A 66 13.84 14.14 8.51
C PHE A 66 13.84 13.09 7.43
N GLU A 67 13.94 13.53 6.17
CA GLU A 67 14.00 12.64 5.00
C GLU A 67 12.96 11.51 4.90
N LEU A 68 11.68 11.83 5.13
CA LEU A 68 10.64 10.82 5.03
C LEU A 68 10.46 10.56 3.53
N ASP A 69 9.67 9.56 3.15
CA ASP A 69 9.48 9.28 1.74
C ASP A 69 8.59 10.34 1.13
N LYS A 70 8.86 10.65 -0.13
CA LYS A 70 8.12 11.69 -0.82
C LYS A 70 6.60 11.69 -0.73
N SER A 71 5.98 10.53 -0.64
CA SER A 71 4.53 10.52 -0.57
C SER A 71 3.99 10.71 0.83
N VAL A 72 4.84 11.11 1.77
CA VAL A 72 4.36 11.31 3.13
C VAL A 72 3.62 12.66 3.20
N PHE A 73 4.33 13.75 2.93
CA PHE A 73 3.75 15.10 2.99
C PHE A 73 2.41 15.21 2.25
N PRO A 74 2.40 14.93 0.94
CA PRO A 74 1.16 15.03 0.15
C PRO A 74 -0.01 14.30 0.77
N LEU A 75 0.30 13.32 1.61
CA LEU A 75 -0.73 12.52 2.28
C LEU A 75 -1.12 13.23 3.57
N SER A 76 -0.15 13.80 4.26
CA SER A 76 -0.44 14.51 5.49
C SER A 76 -1.26 15.74 5.16
N VAL A 77 -1.01 16.31 3.99
CA VAL A 77 -1.78 17.47 3.54
C VAL A 77 -3.19 16.92 3.37
N SER A 78 -3.31 15.88 2.53
CA SER A 78 -4.59 15.23 2.27
C SER A 78 -5.37 14.90 3.53
N ILE A 79 -4.72 14.27 4.50
CA ILE A 79 -5.39 13.95 5.75
C ILE A 79 -5.92 15.23 6.40
N LEU A 80 -5.01 16.14 6.74
CA LEU A 80 -5.35 17.43 7.35
C LEU A 80 -6.62 18.07 6.81
N ASP A 81 -6.70 18.23 5.49
CA ASP A 81 -7.87 18.84 4.89
C ASP A 81 -9.15 18.00 5.07
N ARG A 82 -9.08 16.73 4.69
CA ARG A 82 -10.25 15.88 4.86
C ARG A 82 -10.70 15.94 6.32
N TYR A 83 -9.74 16.00 7.24
CA TYR A 83 -10.05 16.08 8.65
C TYR A 83 -10.71 17.41 8.97
N LEU A 84 -10.16 18.50 8.44
CA LEU A 84 -10.69 19.83 8.71
C LEU A 84 -11.91 20.22 7.87
N CYS A 85 -12.75 19.22 7.61
CA CYS A 85 -14.00 19.40 6.90
C CYS A 85 -15.00 19.06 7.98
N LYS A 86 -14.81 17.88 8.55
CA LYS A 86 -15.66 17.33 9.62
C LYS A 86 -15.54 18.13 10.91
N LYS A 87 -14.41 18.02 11.59
CA LYS A 87 -14.23 18.75 12.85
C LYS A 87 -13.69 20.17 12.69
N GLN A 88 -13.66 20.90 13.79
CA GLN A 88 -13.21 22.28 13.77
C GLN A 88 -11.80 22.48 14.34
N GLY A 89 -11.08 23.45 13.80
CA GLY A 89 -9.72 23.72 14.24
C GLY A 89 -9.46 25.10 14.79
N THR A 90 -8.60 25.15 15.80
CA THR A 90 -8.22 26.38 16.47
C THR A 90 -6.71 26.58 16.34
N LYS A 91 -6.29 27.83 16.19
CA LYS A 91 -4.87 28.16 16.04
C LYS A 91 -4.12 27.59 17.23
N LYS A 92 -4.67 27.79 18.42
CA LYS A 92 -4.04 27.28 19.62
C LYS A 92 -3.88 25.77 19.49
N THR A 93 -4.52 25.18 18.50
CA THR A 93 -4.48 23.74 18.30
C THR A 93 -3.89 23.24 16.96
N LEU A 94 -4.00 24.04 15.91
CA LEU A 94 -3.49 23.66 14.58
C LEU A 94 -2.16 22.96 14.63
N GLN A 95 -1.23 23.52 15.38
CA GLN A 95 0.11 22.94 15.54
C GLN A 95 -0.05 21.45 15.79
N LYS A 96 -0.87 21.12 16.80
CA LYS A 96 -1.13 19.74 17.19
C LYS A 96 -1.71 18.94 16.04
N ILE A 97 -2.83 19.42 15.51
CA ILE A 97 -3.48 18.76 14.40
C ILE A 97 -2.40 18.43 13.36
N GLY A 98 -1.99 19.43 12.59
CA GLY A 98 -0.97 19.21 11.58
C GLY A 98 0.09 18.18 11.93
N ALA A 99 0.51 18.17 13.19
CA ALA A 99 1.54 17.22 13.64
C ALA A 99 0.97 15.82 13.64
N ALA A 100 -0.26 15.69 14.12
CA ALA A 100 -0.92 14.40 14.14
C ALA A 100 -0.89 13.89 12.71
N CYS A 101 -1.53 14.62 11.79
CA CYS A 101 -1.57 14.23 10.39
C CYS A 101 -0.29 13.55 9.90
N VAL A 102 0.83 14.29 9.96
CA VAL A 102 2.14 13.78 9.54
C VAL A 102 2.41 12.42 10.16
N LEU A 103 2.26 12.34 11.49
CA LEU A 103 2.46 11.11 12.23
C LEU A 103 1.73 9.95 11.55
N ILE A 104 0.41 10.08 11.42
CA ILE A 104 -0.38 9.03 10.76
C ILE A 104 0.23 8.75 9.37
N GLY A 105 0.30 9.81 8.57
CA GLY A 105 0.82 9.70 7.22
C GLY A 105 2.17 9.02 7.06
N SER A 106 3.07 9.27 8.02
CA SER A 106 4.38 8.65 7.96
C SER A 106 4.22 7.17 8.31
N LYS A 107 3.38 6.86 9.30
CA LYS A 107 3.13 5.48 9.68
C LYS A 107 2.75 4.73 8.43
N ILE A 108 1.88 5.32 7.62
CA ILE A 108 1.44 4.66 6.40
C ILE A 108 2.50 4.66 5.30
N ARG A 109 2.67 5.79 4.64
CA ARG A 109 3.59 5.90 3.52
C ARG A 109 5.09 5.80 3.72
N THR A 110 5.57 5.75 4.96
CA THR A 110 7.03 5.70 5.11
C THR A 110 7.52 4.57 6.01
N VAL A 111 8.64 3.95 5.65
CA VAL A 111 9.18 2.87 6.46
C VAL A 111 9.73 3.36 7.81
N LYS A 112 10.29 4.57 7.82
CA LYS A 112 10.84 5.19 9.03
C LYS A 112 9.84 6.22 9.52
N PRO A 113 8.97 5.84 10.47
CA PRO A 113 7.95 6.75 11.01
C PRO A 113 8.45 7.94 11.81
N MET A 114 7.57 8.91 11.99
CA MET A 114 7.93 10.10 12.76
C MET A 114 7.50 9.83 14.20
N THR A 115 8.43 9.44 15.07
CA THR A 115 8.09 9.16 16.46
C THR A 115 7.40 10.39 17.05
N VAL A 116 6.56 10.17 18.04
CA VAL A 116 5.85 11.27 18.68
C VAL A 116 6.82 12.18 19.42
N SER A 117 7.69 11.61 20.25
CA SER A 117 8.65 12.42 20.99
C SER A 117 9.26 13.47 20.05
N LYS A 118 9.84 12.97 18.97
CA LYS A 118 10.48 13.75 17.91
C LYS A 118 9.55 14.73 17.18
N LEU A 119 8.28 14.76 17.57
CA LEU A 119 7.28 15.59 16.93
C LEU A 119 6.57 16.48 17.95
N THR A 120 6.86 16.25 19.23
CA THR A 120 6.26 17.03 20.30
C THR A 120 7.35 17.92 20.85
N TYR A 121 8.56 17.36 20.85
CA TYR A 121 9.75 18.06 21.28
C TYR A 121 10.00 19.12 20.22
N LEU A 122 9.02 19.24 19.33
CA LEU A 122 9.02 20.20 18.23
C LEU A 122 7.61 20.85 18.17
N SER A 123 7.29 21.65 19.17
CA SER A 123 5.98 22.32 19.24
C SER A 123 5.83 23.17 20.50
N PHE A 127 2.44 21.06 23.02
CA PHE A 127 1.48 20.03 23.41
C PHE A 127 2.14 18.78 24.03
N THR A 128 1.36 18.01 24.79
CA THR A 128 1.86 16.80 25.44
C THR A 128 1.94 15.64 24.45
N ASN A 129 2.96 14.80 24.61
CA ASN A 129 3.14 13.66 23.71
C ASN A 129 1.97 12.69 23.82
N LEU A 130 0.99 13.05 24.63
CA LEU A 130 -0.21 12.23 24.83
C LEU A 130 -1.42 12.90 24.21
N GLU A 131 -1.57 14.19 24.46
CA GLU A 131 -2.67 14.94 23.90
C GLU A 131 -2.56 14.85 22.37
N LEU A 132 -1.36 14.49 21.92
CA LEU A 132 -1.06 14.34 20.50
C LEU A 132 -1.65 13.03 20.04
N ILE A 133 -1.39 11.97 20.80
CA ILE A 133 -1.92 10.65 20.49
C ILE A 133 -3.45 10.77 20.31
N ASN A 134 -4.06 11.50 21.23
CA ASN A 134 -5.50 11.75 21.21
C ASN A 134 -5.91 12.35 19.87
N GLN A 135 -5.36 13.53 19.59
CA GLN A 135 -5.63 14.26 18.36
C GLN A 135 -5.44 13.34 17.16
N GLU A 136 -4.45 12.44 17.21
CA GLU A 136 -4.26 11.49 16.12
C GLU A 136 -5.51 10.63 16.02
N LYS A 137 -5.90 10.05 17.14
CA LYS A 137 -7.10 9.21 17.25
C LYS A 137 -8.32 9.98 16.78
N ASP A 138 -8.52 11.17 17.34
CA ASP A 138 -9.65 12.01 16.98
C ASP A 138 -9.74 12.18 15.47
N ILE A 139 -8.60 12.11 14.79
CA ILE A 139 -8.58 12.24 13.34
C ILE A 139 -9.00 10.91 12.69
N LEU A 140 -8.58 9.80 13.27
CA LEU A 140 -8.91 8.48 12.73
C LEU A 140 -10.42 8.18 12.72
N GLU A 141 -11.04 8.12 13.88
CA GLU A 141 -12.47 7.84 13.95
C GLU A 141 -13.28 8.85 13.15
N ALA A 142 -12.84 10.10 13.16
CA ALA A 142 -13.54 11.15 12.43
C ALA A 142 -13.56 10.81 10.95
N LEU A 143 -12.38 10.48 10.43
CA LEU A 143 -12.18 10.12 9.03
C LEU A 143 -12.58 8.67 8.89
N LYS A 144 -12.94 8.08 10.03
CA LYS A 144 -13.37 6.69 10.11
C LYS A 144 -12.27 5.76 9.59
N TRP A 145 -11.08 5.93 10.13
CA TRP A 145 -9.90 5.17 9.75
C TRP A 145 -9.61 5.13 8.25
N ASP A 146 -10.42 5.85 7.46
CA ASP A 146 -10.23 5.92 6.01
C ASP A 146 -9.24 7.05 5.73
N THR A 147 -7.96 6.74 5.85
CA THR A 147 -6.94 7.75 5.65
C THR A 147 -6.30 7.77 4.27
N GLU A 148 -5.59 6.70 3.91
CA GLU A 148 -4.94 6.61 2.60
C GLU A 148 -5.77 7.31 1.50
N ALA A 149 -5.11 7.81 0.46
CA ALA A 149 -5.81 8.51 -0.63
C ALA A 149 -4.91 8.63 -1.87
N VAL A 150 -5.47 9.18 -2.96
CA VAL A 150 -4.70 9.37 -4.19
C VAL A 150 -3.88 10.65 -4.07
N LEU A 151 -2.55 10.50 -4.07
CA LEU A 151 -1.62 11.62 -3.97
C LEU A 151 -1.19 12.12 -5.34
N ALA A 152 -0.75 13.37 -5.41
CA ALA A 152 -0.32 13.90 -6.70
C ALA A 152 0.79 12.97 -7.14
N THR A 153 1.67 12.71 -6.19
CA THR A 153 2.84 11.86 -6.33
C THR A 153 2.62 10.48 -6.96
N ASP A 154 1.47 9.87 -6.71
CA ASP A 154 1.21 8.55 -7.26
C ASP A 154 1.19 8.54 -8.78
N PHE A 155 0.95 9.70 -9.40
CA PHE A 155 0.93 9.75 -10.86
C PHE A 155 2.32 9.94 -11.48
N LEU A 156 3.32 10.32 -10.69
CA LEU A 156 4.64 10.58 -11.24
C LEU A 156 5.20 9.61 -12.26
N ILE A 157 5.36 8.34 -11.91
CA ILE A 157 5.91 7.39 -12.88
C ILE A 157 4.87 7.04 -13.94
N PRO A 158 3.68 6.60 -13.51
CA PRO A 158 2.61 6.23 -14.45
C PRO A 158 2.44 7.28 -15.54
N LEU A 159 2.58 8.54 -15.15
CA LEU A 159 2.44 9.59 -16.12
C LEU A 159 3.64 9.58 -17.01
N CYS A 160 4.82 9.42 -16.43
CA CYS A 160 6.06 9.36 -17.23
C CYS A 160 5.97 8.17 -18.19
N ASN A 161 5.48 7.04 -17.69
CA ASN A 161 5.33 5.85 -18.48
C ASN A 161 4.48 6.12 -19.70
N ALA A 162 3.26 6.58 -19.47
CA ALA A 162 2.33 6.87 -20.56
C ALA A 162 2.85 7.91 -21.57
N LEU A 163 3.59 8.91 -21.09
CA LEU A 163 4.15 9.95 -21.95
C LEU A 163 5.36 9.41 -22.72
N LYS A 164 5.76 8.18 -22.41
CA LYS A 164 6.90 7.53 -23.05
C LYS A 164 8.24 8.13 -22.63
N ILE A 165 8.28 8.87 -21.53
CA ILE A 165 9.56 9.46 -21.08
C ILE A 165 10.50 8.28 -20.82
N PRO A 166 11.59 8.20 -21.61
CA PRO A 166 12.62 7.14 -21.54
C PRO A 166 13.07 6.76 -20.13
N GLU A 167 12.78 5.52 -19.76
CA GLU A 167 13.10 4.96 -18.45
C GLU A 167 14.37 5.47 -17.77
N ASP A 168 15.42 5.67 -18.55
CA ASP A 168 16.73 6.14 -18.07
C ASP A 168 16.67 7.41 -17.20
N LEU A 169 15.70 8.26 -17.45
CA LEU A 169 15.57 9.51 -16.70
C LEU A 169 14.64 9.45 -15.52
N TRP A 170 13.72 8.50 -15.53
CA TRP A 170 12.77 8.36 -14.44
C TRP A 170 13.31 8.66 -13.05
N PRO A 171 14.50 8.13 -12.71
CA PRO A 171 15.06 8.39 -11.39
C PRO A 171 15.09 9.87 -11.05
N GLN A 172 15.87 10.63 -11.81
CA GLN A 172 15.98 12.07 -11.57
C GLN A 172 14.63 12.80 -11.69
N LEU A 173 13.92 12.56 -12.78
CA LEU A 173 12.62 13.20 -13.01
C LEU A 173 11.71 13.02 -11.80
N TYR A 174 11.56 11.78 -11.38
CA TYR A 174 10.76 11.44 -10.22
C TYR A 174 11.21 12.28 -9.05
N GLU A 175 12.51 12.19 -8.75
CA GLU A 175 13.10 12.92 -7.64
C GLU A 175 12.91 14.42 -7.75
N ALA A 176 13.26 14.98 -8.90
CA ALA A 176 13.17 16.43 -9.14
C ALA A 176 11.74 16.98 -9.16
N ALA A 177 10.82 16.21 -9.72
CA ALA A 177 9.44 16.63 -9.80
C ALA A 177 8.72 16.37 -8.48
N SER A 178 8.96 15.21 -7.88
CA SER A 178 8.27 14.91 -6.62
C SER A 178 8.54 16.03 -5.62
N THR A 179 9.73 16.61 -5.75
CA THR A 179 10.16 17.69 -4.87
C THR A 179 9.30 18.92 -5.05
N THR A 180 9.22 19.40 -6.30
CA THR A 180 8.43 20.60 -6.58
C THR A 180 6.95 20.41 -6.25
N ILE A 181 6.41 19.25 -6.57
CA ILE A 181 5.01 19.01 -6.27
C ILE A 181 4.77 19.13 -4.77
N CYS A 182 5.79 18.84 -3.97
CA CYS A 182 5.60 18.90 -2.55
C CYS A 182 5.50 20.31 -2.02
N LYS A 183 6.38 21.20 -2.46
CA LYS A 183 6.30 22.58 -2.01
C LYS A 183 4.98 23.17 -2.49
N ALA A 184 4.73 23.02 -3.79
CA ALA A 184 3.51 23.50 -4.42
C ALA A 184 2.32 23.18 -3.51
N LEU A 185 2.20 21.90 -3.17
CA LEU A 185 1.13 21.43 -2.31
C LEU A 185 0.88 22.29 -1.07
N ILE A 186 1.89 23.09 -0.69
CA ILE A 186 1.80 23.98 0.45
C ILE A 186 0.73 25.07 0.23
N GLN A 187 0.73 25.63 -0.97
CA GLN A 187 -0.21 26.67 -1.35
C GLN A 187 -1.65 26.22 -1.45
N PRO A 188 -2.59 27.11 -1.08
CA PRO A 188 -4.04 26.92 -1.08
C PRO A 188 -4.76 26.82 -2.43
N ASN A 189 -4.23 27.49 -3.45
CA ASN A 189 -4.85 27.46 -4.78
C ASN A 189 -4.68 26.10 -5.44
N ILE A 190 -3.65 25.37 -4.99
CA ILE A 190 -3.33 24.07 -5.52
C ILE A 190 -4.24 22.98 -4.94
N ALA A 191 -4.74 23.22 -3.73
CA ALA A 191 -5.59 22.26 -3.05
C ALA A 191 -6.93 22.09 -3.73
N LEU A 192 -7.17 22.89 -4.76
CA LEU A 192 -8.44 22.81 -5.46
C LEU A 192 -8.30 21.88 -6.63
N LEU A 193 -7.07 21.68 -7.07
CA LEU A 193 -6.81 20.84 -8.23
C LEU A 193 -6.76 19.33 -7.97
N SER A 194 -6.89 18.56 -9.06
CA SER A 194 -6.84 17.12 -8.97
C SER A 194 -5.38 16.66 -8.94
N PRO A 195 -5.11 15.60 -8.15
CA PRO A 195 -3.76 15.07 -8.02
C PRO A 195 -3.17 14.74 -9.38
N GLY A 196 -4.03 14.32 -10.30
CA GLY A 196 -3.58 14.00 -11.63
C GLY A 196 -2.90 15.19 -12.25
N LEU A 197 -3.66 16.26 -12.38
CA LEU A 197 -3.21 17.51 -12.94
C LEU A 197 -2.02 18.06 -12.19
N ILE A 198 -2.16 18.20 -10.87
CA ILE A 198 -1.03 18.73 -10.11
C ILE A 198 0.25 18.02 -10.54
N CYS A 199 0.20 16.69 -10.61
CA CYS A 199 1.37 15.94 -11.01
C CYS A 199 1.80 16.35 -12.40
N ALA A 200 0.87 16.32 -13.36
CA ALA A 200 1.23 16.70 -14.71
C ALA A 200 1.91 18.07 -14.68
N GLY A 201 1.27 19.04 -14.05
CA GLY A 201 1.84 20.37 -13.96
C GLY A 201 3.28 20.35 -13.47
N GLY A 202 3.50 19.66 -12.36
CA GLY A 202 4.83 19.58 -11.78
C GLY A 202 5.84 18.85 -12.63
N LEU A 203 5.38 17.96 -13.50
CA LEU A 203 6.31 17.24 -14.32
C LEU A 203 6.79 18.24 -15.36
N LEU A 204 5.86 18.85 -16.07
CA LEU A 204 6.18 19.87 -17.08
C LEU A 204 7.09 20.94 -16.47
N THR A 205 6.66 21.50 -15.33
CA THR A 205 7.44 22.52 -14.62
C THR A 205 8.87 22.03 -14.46
N THR A 206 9.00 20.88 -13.80
CA THR A 206 10.30 20.29 -13.57
C THR A 206 11.02 20.06 -14.90
N ILE A 207 10.36 19.40 -15.84
CA ILE A 207 10.98 19.14 -17.15
C ILE A 207 11.65 20.38 -17.72
N GLU A 208 11.18 21.56 -17.30
CA GLU A 208 11.73 22.83 -17.76
C GLU A 208 12.82 23.36 -16.82
N THR A 209 13.86 22.55 -16.63
CA THR A 209 14.99 22.90 -15.78
C THR A 209 16.09 21.94 -16.24
N ASP A 210 16.88 22.39 -17.20
CA ASP A 210 17.93 21.54 -17.77
C ASP A 210 17.15 20.43 -18.45
N ASN A 211 16.91 20.60 -19.75
CA ASN A 211 16.16 19.63 -20.54
C ASN A 211 16.34 18.21 -20.04
N THR A 212 17.55 17.90 -19.58
CA THR A 212 17.88 16.58 -19.07
C THR A 212 17.56 15.50 -20.09
N ASN A 213 17.56 15.85 -21.37
CA ASN A 213 17.28 14.90 -22.45
C ASN A 213 15.79 14.76 -22.73
N CYS A 214 14.96 15.59 -22.12
CA CYS A 214 13.52 15.54 -22.35
C CYS A 214 13.16 16.44 -23.51
N ARG A 215 12.08 16.11 -24.20
CA ARG A 215 11.63 16.92 -25.33
C ARG A 215 11.27 18.32 -24.82
N PRO A 216 10.93 19.25 -25.73
CA PRO A 216 10.58 20.56 -25.20
C PRO A 216 9.27 20.30 -24.46
N TRP A 217 9.18 20.70 -23.19
CA TRP A 217 7.96 20.43 -22.42
C TRP A 217 6.73 20.51 -23.32
N THR A 218 6.77 21.42 -24.27
CA THR A 218 5.70 21.64 -25.26
C THR A 218 5.05 20.33 -25.68
N CYS A 219 5.83 19.50 -26.34
CA CYS A 219 5.39 18.21 -26.88
C CYS A 219 4.48 17.37 -25.99
N TYR A 220 4.63 17.50 -24.68
CA TYR A 220 3.83 16.73 -23.76
C TYR A 220 2.41 17.26 -23.51
N LEU A 221 2.28 18.58 -23.35
CA LEU A 221 0.98 19.23 -23.08
C LEU A 221 -0.19 18.64 -23.83
N GLU A 222 0.00 18.34 -25.12
CA GLU A 222 -1.08 17.77 -25.91
C GLU A 222 -1.29 16.31 -25.62
N ASP A 223 -0.23 15.60 -25.29
CA ASP A 223 -0.39 14.21 -24.93
C ASP A 223 -1.07 14.16 -23.58
N LEU A 224 -0.51 14.84 -22.59
CA LEU A 224 -1.11 14.86 -21.26
C LEU A 224 -2.59 15.22 -21.31
N SER A 225 -2.98 16.04 -22.27
CA SER A 225 -4.38 16.41 -22.43
C SER A 225 -5.15 15.15 -22.78
N SER A 226 -4.53 14.33 -23.62
CA SER A 226 -5.11 13.07 -24.04
C SER A 226 -4.97 12.05 -22.93
N ILE A 227 -3.81 12.00 -22.28
CA ILE A 227 -3.59 11.05 -21.18
C ILE A 227 -4.65 11.24 -20.11
N LEU A 228 -4.57 12.37 -19.41
CA LEU A 228 -5.47 12.71 -18.32
C LEU A 228 -6.90 13.09 -18.71
N ASN A 229 -7.09 13.45 -19.96
CA ASN A 229 -8.41 13.83 -20.44
C ASN A 229 -8.88 15.18 -19.87
N PHE A 230 -8.27 16.25 -20.39
CA PHE A 230 -8.56 17.61 -20.01
C PHE A 230 -8.26 18.46 -21.20
N SER A 231 -8.81 19.67 -21.22
CA SER A 231 -8.56 20.57 -22.32
C SER A 231 -7.09 20.93 -22.17
N THR A 232 -6.40 21.08 -23.29
CA THR A 232 -5.00 21.43 -23.25
C THR A 232 -4.80 22.70 -22.45
N ASN A 233 -5.76 23.60 -22.56
CA ASN A 233 -5.69 24.85 -21.83
C ASN A 233 -5.54 24.61 -20.35
N THR A 234 -6.37 23.72 -19.82
CA THR A 234 -6.37 23.36 -18.41
C THR A 234 -4.99 22.84 -18.01
N VAL A 235 -4.43 21.95 -18.82
CA VAL A 235 -3.09 21.39 -18.53
C VAL A 235 -2.09 22.53 -18.40
N ARG A 236 -2.04 23.34 -19.46
CA ARG A 236 -1.14 24.49 -19.54
C ARG A 236 -1.29 25.38 -18.32
N THR A 237 -2.53 25.61 -17.92
CA THR A 237 -2.78 26.45 -16.75
C THR A 237 -2.18 25.85 -15.49
N VAL A 238 -2.52 24.60 -15.18
CA VAL A 238 -2.01 23.96 -13.99
C VAL A 238 -0.49 23.92 -13.94
N LYS A 239 0.15 23.89 -15.11
CA LYS A 239 1.60 23.91 -15.10
C LYS A 239 1.99 25.23 -14.49
N ASP A 240 1.39 26.31 -14.99
CA ASP A 240 1.67 27.66 -14.47
C ASP A 240 1.41 27.69 -13.01
N GLN A 241 0.18 27.36 -12.64
CA GLN A 241 -0.27 27.32 -11.26
C GLN A 241 0.68 26.66 -10.30
N VAL A 242 1.11 25.45 -10.66
CA VAL A 242 2.01 24.68 -9.84
C VAL A 242 3.36 25.33 -9.76
N SER A 243 3.88 25.78 -10.91
CA SER A 243 5.18 26.43 -10.91
C SER A 243 5.17 27.72 -10.08
N GLU A 244 3.98 28.16 -9.68
CA GLU A 244 3.87 29.36 -8.87
C GLU A 244 3.93 29.02 -7.40
N ALA A 245 3.05 28.11 -6.97
CA ALA A 245 3.02 27.69 -5.57
C ALA A 245 4.42 27.19 -5.21
N PHE A 246 5.10 26.66 -6.23
CA PHE A 246 6.45 26.19 -6.04
C PHE A 246 7.33 27.36 -5.65
N SER A 247 7.09 28.49 -6.29
CA SER A 247 7.84 29.71 -6.06
C SER A 247 7.58 30.30 -4.69
N LEU A 248 6.31 30.54 -4.39
CA LEU A 248 5.90 31.13 -3.13
C LEU A 248 6.38 30.43 -1.87
N TYR A 249 7.16 29.36 -2.04
CA TYR A 249 7.69 28.61 -0.89
C TYR A 249 8.53 29.64 -0.16
N ASP A 250 8.38 29.75 1.16
CA ASP A 250 9.18 30.71 1.89
C ASP A 250 9.33 30.34 3.35
N LEU A 251 10.52 29.89 3.73
CA LEU A 251 10.74 29.48 5.11
C LEU A 251 10.56 30.57 6.14
N GLU A 252 10.80 31.82 5.73
CA GLU A 252 10.65 32.96 6.62
C GLU A 252 9.28 33.07 7.27
N ILE A 253 8.24 32.74 6.52
CA ILE A 253 6.87 32.85 7.02
C ILE A 253 6.64 32.24 8.38
N LEU A 254 7.50 31.32 8.80
CA LEU A 254 7.34 30.66 10.08
C LEU A 254 7.33 31.52 11.35
N ASP B 10 -17.93 -4.12 20.30
CA ASP B 10 -17.84 -3.61 21.70
C ASP B 10 -19.19 -3.60 22.42
N GLN B 11 -19.97 -2.53 22.23
CA GLN B 11 -21.25 -2.41 22.90
C GLN B 11 -22.23 -3.52 22.49
N GLN B 12 -22.63 -3.52 21.22
CA GLN B 12 -23.56 -4.53 20.72
C GLN B 12 -22.81 -5.59 19.91
N TYR B 13 -21.96 -6.34 20.59
CA TYR B 13 -21.15 -7.39 19.95
C TYR B 13 -20.87 -8.50 20.96
N GLU B 14 -21.19 -9.74 20.58
CA GLU B 14 -20.96 -10.90 21.45
C GLU B 14 -20.02 -11.90 20.80
N CYS B 15 -18.85 -12.09 21.41
CA CYS B 15 -17.83 -13.00 20.90
C CYS B 15 -17.95 -14.44 21.42
N VAL B 16 -18.53 -15.30 20.59
CA VAL B 16 -18.72 -16.70 20.92
C VAL B 16 -17.39 -17.32 21.32
N TYR B 24 -0.52 -9.61 18.44
CA TYR B 24 -0.88 -8.35 19.08
C TYR B 24 -2.33 -8.35 19.57
N GLY B 25 -2.91 -9.56 19.67
CA GLY B 25 -4.28 -9.71 20.13
C GLY B 25 -4.90 -10.99 19.59
N LYS B 26 -6.09 -11.32 20.06
CA LYS B 26 -6.77 -12.54 19.63
C LYS B 26 -7.83 -12.29 18.53
N VAL B 27 -7.96 -13.23 17.59
CA VAL B 27 -8.93 -13.13 16.48
C VAL B 27 -10.24 -13.87 16.81
N PHE B 28 -11.11 -13.22 17.60
CA PHE B 28 -12.38 -13.81 18.02
C PHE B 28 -13.56 -13.58 17.08
N LYS B 29 -14.14 -14.67 16.56
CA LYS B 29 -15.31 -14.57 15.68
C LYS B 29 -16.47 -14.19 16.59
N ALA B 30 -17.33 -13.28 16.15
CA ALA B 30 -18.44 -12.84 17.00
C ALA B 30 -19.74 -12.63 16.24
N ARG B 31 -20.84 -12.43 16.97
CA ARG B 31 -22.12 -12.21 16.32
C ARG B 31 -22.64 -10.79 16.63
N ASP B 32 -22.94 -9.98 15.61
CA ASP B 32 -23.45 -8.59 15.82
C ASP B 32 -24.94 -8.53 16.21
N LEU B 33 -25.31 -7.65 17.17
CA LEU B 33 -26.71 -7.48 17.62
C LEU B 33 -27.65 -7.05 16.49
N LYS B 34 -27.24 -6.03 15.73
CA LYS B 34 -28.04 -5.50 14.64
C LYS B 34 -28.45 -6.58 13.64
N ASN B 35 -27.56 -6.90 12.70
CA ASN B 35 -27.87 -7.90 11.68
C ASN B 35 -28.46 -9.16 12.30
N GLY B 36 -29.10 -9.98 11.46
CA GLY B 36 -29.69 -11.21 11.96
C GLY B 36 -28.68 -12.17 12.54
N GLY B 37 -28.25 -11.91 13.77
CA GLY B 37 -27.27 -12.76 14.43
C GLY B 37 -26.04 -13.01 13.58
N ARG B 38 -25.90 -12.21 12.52
CA ARG B 38 -24.77 -12.33 11.59
C ARG B 38 -23.46 -12.52 12.32
N PHE B 39 -22.47 -13.03 11.59
CA PHE B 39 -21.17 -13.26 12.17
C PHE B 39 -20.14 -12.23 11.72
N VAL B 40 -19.86 -11.30 12.61
CA VAL B 40 -18.88 -10.25 12.36
C VAL B 40 -17.61 -10.61 13.10
N ALA B 41 -16.64 -11.21 12.40
CA ALA B 41 -15.36 -11.61 12.98
C ALA B 41 -14.63 -10.44 13.66
N LEU B 42 -14.25 -10.62 14.93
CA LEU B 42 -13.55 -9.55 15.66
C LEU B 42 -12.04 -9.77 15.82
N LYS B 43 -11.27 -8.73 15.52
CA LYS B 43 -9.82 -8.76 15.61
C LYS B 43 -9.37 -7.64 16.55
N ARG B 44 -9.56 -7.87 17.85
CA ARG B 44 -9.20 -6.89 18.87
C ARG B 44 -7.70 -6.61 18.88
N VAL B 45 -7.30 -5.50 18.27
CA VAL B 45 -5.89 -5.11 18.22
C VAL B 45 -5.52 -4.36 19.50
N ARG B 46 -4.37 -4.72 20.07
CA ARG B 46 -3.90 -4.12 21.32
C ARG B 46 -2.97 -2.94 21.13
N VAL B 47 -3.23 -1.87 21.87
CA VAL B 47 -2.42 -0.67 21.77
C VAL B 47 -1.73 -0.35 23.09
N GLN B 48 -0.56 -0.93 23.32
CA GLN B 48 0.19 -0.70 24.54
C GLN B 48 0.43 0.79 24.71
N THR B 49 -0.11 1.35 25.79
CA THR B 49 0.03 2.79 26.06
C THR B 49 1.47 3.26 26.32
N GLY B 50 2.33 3.05 25.34
CA GLY B 50 3.71 3.49 25.45
C GLY B 50 3.73 4.94 25.01
N GLU B 51 4.06 5.17 23.74
CA GLU B 51 4.10 6.53 23.21
C GLU B 51 4.15 6.55 21.68
N GLU B 52 3.14 5.99 21.03
CA GLU B 52 3.08 5.98 19.57
C GLU B 52 1.70 5.98 18.93
N GLY B 53 0.65 5.98 19.76
CA GLY B 53 -0.71 5.98 19.25
C GLY B 53 -1.07 4.68 18.57
N MET B 54 -2.14 4.69 17.78
CA MET B 54 -2.58 3.48 17.09
C MET B 54 -1.42 2.73 16.48
N PRO B 55 -1.44 1.41 16.61
CA PRO B 55 -0.39 0.53 16.07
C PRO B 55 -0.11 0.94 14.64
N LEU B 56 1.17 0.99 14.29
CA LEU B 56 1.54 1.39 12.95
C LEU B 56 0.87 0.57 11.87
N SER B 57 0.72 -0.73 12.09
CA SER B 57 0.09 -1.58 11.07
C SER B 57 -1.42 -1.60 10.99
N THR B 58 -2.08 -1.66 12.13
CA THR B 58 -3.52 -1.69 12.19
C THR B 58 -4.10 -0.46 11.45
N ILE B 59 -3.20 0.39 10.96
CA ILE B 59 -3.58 1.57 10.21
C ILE B 59 -3.45 1.28 8.73
N ARG B 60 -2.22 1.02 8.26
CA ARG B 60 -2.04 0.71 6.86
C ARG B 60 -3.05 -0.35 6.45
N GLU B 61 -3.29 -1.29 7.36
CA GLU B 61 -4.22 -2.42 7.19
C GLU B 61 -5.63 -1.94 6.87
N VAL B 62 -6.20 -1.11 7.76
CA VAL B 62 -7.55 -0.57 7.53
C VAL B 62 -7.51 0.45 6.41
N ALA B 63 -6.42 1.19 6.31
CA ALA B 63 -6.26 2.22 5.29
C ALA B 63 -6.53 1.63 3.93
N VAL B 64 -5.77 0.60 3.59
CA VAL B 64 -5.90 -0.03 2.29
C VAL B 64 -7.25 -0.65 2.08
N LEU B 65 -7.80 -1.22 3.12
CA LEU B 65 -9.10 -1.86 2.99
C LEU B 65 -10.19 -0.81 2.72
N ARG B 66 -10.15 0.28 3.48
CA ARG B 66 -11.11 1.35 3.32
C ARG B 66 -11.01 2.02 1.96
N HIS B 67 -9.80 2.05 1.41
CA HIS B 67 -9.54 2.71 0.12
C HIS B 67 -10.17 2.00 -1.04
N LEU B 68 -10.00 0.68 -1.06
CA LEU B 68 -10.49 -0.16 -2.14
C LEU B 68 -11.85 -0.82 -1.92
N GLU B 69 -12.46 -0.53 -0.77
CA GLU B 69 -13.74 -1.14 -0.44
C GLU B 69 -14.89 -0.87 -1.42
N THR B 70 -14.88 0.28 -2.10
CA THR B 70 -15.96 0.60 -3.04
C THR B 70 -16.00 -0.35 -4.24
N PHE B 71 -14.88 -1.02 -4.51
CA PHE B 71 -14.87 -1.95 -5.62
C PHE B 71 -15.53 -3.29 -5.24
N GLU B 72 -15.63 -3.54 -3.93
CA GLU B 72 -16.24 -4.77 -3.46
C GLU B 72 -15.69 -5.98 -4.23
N HIS B 73 -14.36 -6.04 -4.41
CA HIS B 73 -13.75 -7.16 -5.13
C HIS B 73 -14.00 -8.43 -4.34
N PRO B 74 -14.59 -9.45 -4.99
CA PRO B 74 -14.95 -10.77 -4.45
C PRO B 74 -13.87 -11.43 -3.61
N ASN B 75 -12.67 -11.49 -4.18
CA ASN B 75 -11.52 -12.13 -3.57
C ASN B 75 -10.77 -11.39 -2.49
N VAL B 76 -11.42 -10.41 -1.87
CA VAL B 76 -10.80 -9.64 -0.78
C VAL B 76 -11.73 -9.60 0.43
N VAL B 77 -11.18 -9.76 1.62
CA VAL B 77 -12.03 -9.70 2.81
C VAL B 77 -12.70 -8.34 2.90
N ARG B 78 -13.78 -8.26 3.68
CA ARG B 78 -14.52 -7.02 3.86
C ARG B 78 -14.48 -6.50 5.30
N LEU B 79 -13.87 -5.31 5.48
CA LEU B 79 -13.80 -4.71 6.81
C LEU B 79 -15.10 -3.96 7.05
N PHE B 80 -15.66 -4.11 8.25
CA PHE B 80 -16.92 -3.45 8.58
C PHE B 80 -16.78 -2.25 9.50
N ASP B 81 -15.90 -2.35 10.49
CA ASP B 81 -15.79 -1.26 11.44
C ASP B 81 -14.50 -1.30 12.24
N VAL B 82 -14.26 -0.22 12.97
CA VAL B 82 -13.11 -0.09 13.87
C VAL B 82 -13.69 0.52 15.14
N CYS B 83 -14.25 -0.33 15.99
CA CYS B 83 -14.86 0.13 17.23
C CYS B 83 -14.10 1.26 17.94
N THR B 84 -12.96 0.94 18.53
CA THR B 84 -12.14 1.92 19.26
C THR B 84 -12.97 2.54 20.39
N VAL B 85 -12.69 2.13 21.62
CA VAL B 85 -13.41 2.69 22.76
C VAL B 85 -12.39 3.33 23.71
N SER B 86 -12.44 4.65 23.79
CA SER B 86 -11.54 5.40 24.64
C SER B 86 -11.88 5.15 26.09
N ARG B 87 -10.86 4.87 26.91
CA ARG B 87 -11.08 4.60 28.32
C ARG B 87 -10.31 5.55 29.22
N THR B 88 -11.03 6.19 30.15
CA THR B 88 -10.40 7.12 31.09
C THR B 88 -9.72 6.31 32.20
N ASP B 89 -10.25 5.12 32.45
CA ASP B 89 -9.71 4.23 33.48
C ASP B 89 -8.36 3.71 33.00
N ARG B 90 -8.38 2.60 32.26
CA ARG B 90 -7.17 1.99 31.73
C ARG B 90 -6.99 2.45 30.29
N GLU B 91 -6.09 1.78 29.57
CA GLU B 91 -5.81 2.12 28.18
C GLU B 91 -7.03 1.86 27.31
N THR B 92 -7.03 2.45 26.12
CA THR B 92 -8.13 2.26 25.18
C THR B 92 -7.91 0.90 24.52
N LYS B 93 -8.96 0.36 23.89
CA LYS B 93 -8.85 -0.93 23.22
C LYS B 93 -9.49 -0.87 21.83
N LEU B 94 -8.95 -1.66 20.91
CA LEU B 94 -9.45 -1.70 19.52
C LEU B 94 -10.27 -2.92 19.14
N THR B 95 -11.41 -2.67 18.49
CA THR B 95 -12.28 -3.74 18.02
C THR B 95 -12.39 -3.58 16.51
N LEU B 96 -11.54 -4.33 15.81
CA LEU B 96 -11.46 -4.33 14.37
C LEU B 96 -12.32 -5.50 13.85
N VAL B 97 -13.48 -5.19 13.28
CA VAL B 97 -14.42 -6.21 12.77
C VAL B 97 -14.48 -6.33 11.23
N PHE B 98 -14.31 -7.54 10.73
CA PHE B 98 -14.34 -7.79 9.28
C PHE B 98 -15.60 -8.63 9.03
N GLU B 99 -15.68 -9.28 7.87
CA GLU B 99 -16.80 -10.17 7.56
C GLU B 99 -16.32 -11.56 7.98
N HIS B 100 -17.20 -12.39 8.54
CA HIS B 100 -16.77 -13.72 8.96
C HIS B 100 -16.78 -14.78 7.86
N VAL B 101 -15.72 -15.58 7.85
CA VAL B 101 -15.52 -16.67 6.90
C VAL B 101 -15.17 -17.89 7.75
N ASP B 102 -15.61 -19.07 7.32
CA ASP B 102 -15.37 -20.30 8.07
C ASP B 102 -13.95 -20.75 8.37
N GLN B 103 -13.18 -21.04 7.33
CA GLN B 103 -11.82 -21.52 7.53
C GLN B 103 -10.75 -20.90 6.63
N ASP B 104 -9.54 -20.74 7.17
CA ASP B 104 -8.41 -20.19 6.40
C ASP B 104 -7.89 -21.33 5.52
N LEU B 105 -7.29 -20.99 4.38
CA LEU B 105 -6.76 -22.01 3.47
C LEU B 105 -5.98 -23.11 4.21
N THR B 106 -5.59 -22.82 5.45
CA THR B 106 -4.88 -23.80 6.28
C THR B 106 -5.86 -24.84 6.78
N THR B 107 -6.78 -24.42 7.64
CA THR B 107 -7.79 -25.32 8.19
C THR B 107 -8.36 -26.23 7.11
N TYR B 108 -8.84 -25.60 6.04
CA TYR B 108 -9.41 -26.33 4.93
C TYR B 108 -8.60 -27.57 4.60
N LEU B 109 -7.28 -27.42 4.62
CA LEU B 109 -6.39 -28.53 4.31
C LEU B 109 -6.18 -29.54 5.44
N ASP B 110 -6.07 -29.06 6.68
CA ASP B 110 -5.89 -29.92 7.84
C ASP B 110 -7.09 -30.88 7.97
N LYS B 111 -8.26 -30.40 7.57
CA LYS B 111 -9.49 -31.16 7.63
C LYS B 111 -10.04 -31.60 6.27
N VAL B 112 -9.31 -31.38 5.18
CA VAL B 112 -9.81 -31.80 3.87
C VAL B 112 -9.54 -33.29 3.64
N PRO B 113 -10.60 -34.07 3.32
CA PRO B 113 -10.52 -35.52 3.07
C PRO B 113 -9.38 -35.90 2.13
N GLU B 114 -9.01 -37.19 2.12
CA GLU B 114 -7.91 -37.68 1.27
C GLU B 114 -8.39 -37.96 -0.16
N PRO B 115 -7.59 -37.57 -1.18
CA PRO B 115 -6.30 -36.88 -1.09
C PRO B 115 -6.42 -35.37 -1.27
N GLY B 116 -6.70 -34.65 -0.18
CA GLY B 116 -6.81 -33.21 -0.23
C GLY B 116 -7.86 -32.67 -1.18
N VAL B 117 -7.58 -31.50 -1.75
CA VAL B 117 -8.51 -30.86 -2.69
C VAL B 117 -8.39 -31.48 -4.07
N PRO B 118 -9.49 -31.49 -4.83
CA PRO B 118 -9.49 -32.06 -6.20
C PRO B 118 -8.77 -31.14 -7.15
N THR B 119 -8.13 -31.71 -8.17
CA THR B 119 -7.40 -30.88 -9.13
C THR B 119 -8.28 -29.73 -9.64
N GLU B 120 -9.58 -29.82 -9.39
CA GLU B 120 -10.47 -28.77 -9.80
C GLU B 120 -10.65 -27.74 -8.69
N THR B 121 -10.99 -28.18 -7.49
CA THR B 121 -11.15 -27.25 -6.37
C THR B 121 -9.85 -26.49 -6.13
N ILE B 122 -8.73 -27.10 -6.53
CA ILE B 122 -7.40 -26.51 -6.37
C ILE B 122 -7.20 -25.42 -7.42
N LYS B 123 -7.52 -25.76 -8.67
CA LYS B 123 -7.39 -24.87 -9.80
C LYS B 123 -8.25 -23.62 -9.63
N ASP B 124 -9.37 -23.79 -8.92
CA ASP B 124 -10.30 -22.67 -8.69
C ASP B 124 -9.71 -21.64 -7.75
N MET B 125 -9.45 -22.05 -6.52
CA MET B 125 -8.88 -21.17 -5.52
C MET B 125 -7.63 -20.44 -6.06
N MET B 126 -6.76 -21.17 -6.74
CA MET B 126 -5.57 -20.54 -7.30
C MET B 126 -5.95 -19.47 -8.32
N PHE B 127 -7.08 -19.65 -8.96
CA PHE B 127 -7.54 -18.67 -9.94
C PHE B 127 -8.04 -17.43 -9.20
N GLN B 128 -8.79 -17.67 -8.13
CA GLN B 128 -9.33 -16.57 -7.35
C GLN B 128 -8.20 -15.85 -6.64
N LEU B 129 -7.55 -16.53 -5.72
CA LEU B 129 -6.43 -15.96 -4.98
C LEU B 129 -5.48 -15.20 -5.92
N LEU B 130 -5.35 -15.68 -7.14
CA LEU B 130 -4.48 -15.03 -8.11
C LEU B 130 -5.23 -13.87 -8.74
N ARG B 131 -6.56 -14.00 -8.78
CA ARG B 131 -7.39 -12.96 -9.37
C ARG B 131 -7.40 -11.74 -8.46
N GLY B 132 -7.70 -11.95 -7.19
CA GLY B 132 -7.70 -10.84 -6.26
C GLY B 132 -6.33 -10.19 -6.18
N LEU B 133 -5.29 -11.02 -6.27
CA LEU B 133 -3.91 -10.55 -6.21
C LEU B 133 -3.68 -9.63 -7.39
N ASP B 134 -4.10 -10.06 -8.57
CA ASP B 134 -3.95 -9.23 -9.78
C ASP B 134 -4.56 -7.86 -9.54
N PHE B 135 -5.77 -7.87 -8.98
CA PHE B 135 -6.56 -6.67 -8.65
C PHE B 135 -5.77 -5.74 -7.74
N LEU B 136 -5.41 -6.28 -6.58
CA LEU B 136 -4.66 -5.59 -5.57
C LEU B 136 -3.42 -4.91 -6.14
N HIS B 137 -2.71 -5.58 -7.03
CA HIS B 137 -1.52 -4.99 -7.62
C HIS B 137 -1.85 -3.81 -8.54
N SER B 138 -2.95 -3.92 -9.30
CA SER B 138 -3.35 -2.86 -10.23
C SER B 138 -3.45 -1.51 -9.53
N HIS B 139 -3.76 -1.53 -8.24
CA HIS B 139 -3.84 -0.29 -7.49
C HIS B 139 -2.55 -0.11 -6.70
N ARG B 140 -1.44 -0.55 -7.28
CA ARG B 140 -0.13 -0.43 -6.65
C ARG B 140 -0.06 -0.94 -5.19
N VAL B 141 -0.96 -1.85 -4.81
CA VAL B 141 -0.93 -2.40 -3.47
C VAL B 141 -0.19 -3.75 -3.48
N VAL B 142 0.75 -3.90 -2.55
CA VAL B 142 1.50 -5.14 -2.41
C VAL B 142 1.18 -5.62 -1.02
N HIS B 143 0.40 -6.69 -0.95
CA HIS B 143 0.01 -7.30 0.31
C HIS B 143 1.20 -8.16 0.62
N ARG B 144 2.01 -7.71 1.55
CA ARG B 144 3.22 -8.42 1.83
C ARG B 144 3.19 -9.63 2.76
N ASP B 145 2.04 -10.25 2.99
CA ASP B 145 1.99 -11.38 3.90
C ASP B 145 1.05 -12.50 3.43
N LEU B 146 1.36 -13.06 2.27
CA LEU B 146 0.54 -14.12 1.66
C LEU B 146 0.91 -15.51 2.17
N LYS B 147 0.03 -16.12 2.96
CA LYS B 147 0.25 -17.45 3.49
C LYS B 147 -1.11 -18.08 3.81
N PRO B 148 -1.19 -19.42 3.76
CA PRO B 148 -2.41 -20.17 4.04
C PRO B 148 -3.22 -19.58 5.17
N GLN B 149 -2.53 -19.20 6.24
CA GLN B 149 -3.22 -18.64 7.38
C GLN B 149 -3.96 -17.35 6.98
N ASN B 150 -3.36 -16.59 6.07
CA ASN B 150 -3.95 -15.33 5.64
C ASN B 150 -4.95 -15.39 4.48
N ILE B 151 -5.30 -16.58 3.99
CA ILE B 151 -6.30 -16.68 2.93
C ILE B 151 -7.58 -17.20 3.60
N LEU B 152 -8.75 -16.80 3.13
CA LEU B 152 -9.97 -17.30 3.75
C LEU B 152 -10.76 -18.12 2.74
N VAL B 153 -11.63 -18.98 3.25
CA VAL B 153 -12.43 -19.84 2.39
C VAL B 153 -13.90 -19.74 2.72
N THR B 154 -14.71 -19.31 1.75
CA THR B 154 -16.13 -19.23 2.00
C THR B 154 -16.66 -20.65 1.91
N SER B 155 -17.75 -20.93 2.62
CA SER B 155 -18.38 -22.25 2.64
C SER B 155 -18.66 -22.77 1.24
N SER B 156 -18.74 -21.85 0.28
CA SER B 156 -18.99 -22.20 -1.11
C SER B 156 -17.70 -22.31 -1.95
N GLY B 157 -16.54 -22.22 -1.30
CA GLY B 157 -15.27 -22.35 -1.99
C GLY B 157 -14.62 -21.14 -2.66
N GLN B 158 -14.85 -19.95 -2.10
CA GLN B 158 -14.30 -18.71 -2.64
C GLN B 158 -13.15 -18.24 -1.77
N ILE B 159 -12.24 -17.46 -2.37
CA ILE B 159 -11.09 -16.97 -1.65
C ILE B 159 -11.20 -15.51 -1.19
N LYS B 160 -10.61 -15.22 -0.05
CA LYS B 160 -10.61 -13.88 0.54
C LYS B 160 -9.22 -13.59 1.11
N LEU B 161 -8.52 -12.60 0.55
CA LEU B 161 -7.20 -12.25 1.06
C LEU B 161 -7.42 -11.54 2.41
N ALA B 162 -6.56 -11.78 3.40
CA ALA B 162 -6.74 -11.13 4.71
C ALA B 162 -5.49 -10.69 5.48
N ASP B 163 -5.72 -10.21 6.71
CA ASP B 163 -4.64 -9.70 7.56
C ASP B 163 -3.79 -8.83 6.65
N PHE B 164 -4.32 -7.65 6.34
CA PHE B 164 -3.65 -6.71 5.45
C PHE B 164 -2.62 -5.79 6.14
N GLY B 165 -2.34 -6.05 7.41
CA GLY B 165 -1.39 -5.25 8.16
C GLY B 165 0.08 -5.31 7.77
N LEU B 166 0.34 -5.54 6.48
CA LEU B 166 1.73 -5.60 5.99
C LEU B 166 1.70 -5.04 4.60
N ALA B 167 0.48 -5.01 4.06
CA ALA B 167 0.25 -4.48 2.72
C ALA B 167 0.45 -2.98 2.75
N ARG B 168 0.87 -2.46 1.60
CA ARG B 168 1.11 -1.04 1.49
C ARG B 168 1.17 -0.61 0.02
N ILE B 169 0.92 0.67 -0.23
CA ILE B 169 0.97 1.19 -1.58
C ILE B 169 2.44 1.29 -1.97
N TYR B 170 2.80 0.62 -3.05
CA TYR B 170 4.17 0.58 -3.53
C TYR B 170 4.39 1.67 -4.55
N SER B 171 5.38 2.53 -4.30
CA SER B 171 5.72 3.64 -5.19
C SER B 171 7.23 3.77 -5.41
N PHE B 172 7.60 4.14 -6.63
CA PHE B 172 8.98 4.33 -7.04
C PHE B 172 9.84 5.02 -6.00
N GLN B 173 11.08 4.57 -5.88
CA GLN B 173 12.08 5.08 -4.94
C GLN B 173 11.65 5.07 -3.48
N MET B 174 10.60 4.32 -3.19
CA MET B 174 10.09 4.18 -1.84
C MET B 174 11.14 3.46 -1.00
N ALA B 175 11.22 3.73 0.29
CA ALA B 175 12.19 3.02 1.12
C ALA B 175 11.55 1.72 1.60
N LEU B 176 12.35 0.67 1.76
CA LEU B 176 11.83 -0.64 2.18
C LEU B 176 12.67 -1.32 3.27
N THR B 177 12.02 -2.15 4.09
CA THR B 177 12.71 -2.94 5.12
C THR B 177 12.57 -4.36 4.58
N SER B 178 13.68 -5.00 4.29
CA SER B 178 13.63 -6.36 3.75
C SER B 178 13.25 -7.40 4.80
N VAL B 179 12.04 -7.20 5.34
CA VAL B 179 11.42 -8.06 6.37
C VAL B 179 9.95 -8.30 5.98
N VAL B 180 9.76 -9.04 4.89
CA VAL B 180 8.43 -9.32 4.37
C VAL B 180 8.11 -10.81 4.27
N VAL B 181 6.91 -11.15 4.73
CA VAL B 181 6.41 -12.53 4.72
C VAL B 181 7.09 -13.42 5.77
N THR B 182 6.31 -14.32 6.36
CA THR B 182 6.82 -15.24 7.37
C THR B 182 7.87 -16.17 6.76
N LEU B 183 9.04 -16.21 7.40
CA LEU B 183 10.15 -17.03 6.96
C LEU B 183 9.89 -17.97 5.77
N TRP B 184 8.97 -18.93 5.96
CA TRP B 184 8.67 -19.92 4.91
C TRP B 184 8.24 -19.41 3.53
N TYR B 185 7.28 -18.52 3.51
CA TYR B 185 6.76 -17.99 2.25
C TYR B 185 7.56 -16.81 1.66
N ARG B 186 8.65 -16.44 2.32
CA ARG B 186 9.48 -15.34 1.85
C ARG B 186 10.09 -15.64 0.50
N ALA B 187 10.18 -14.61 -0.32
CA ALA B 187 10.75 -14.79 -1.65
C ALA B 187 12.24 -14.58 -1.56
N PRO B 188 12.96 -15.19 -2.49
CA PRO B 188 14.43 -15.09 -2.57
C PRO B 188 14.91 -13.67 -2.36
N GLU B 189 14.36 -12.75 -3.14
CA GLU B 189 14.74 -11.33 -3.06
C GLU B 189 14.78 -10.76 -1.63
N VAL B 190 13.79 -11.12 -0.80
CA VAL B 190 13.70 -10.63 0.57
C VAL B 190 14.63 -11.38 1.55
N LEU B 191 15.10 -12.55 1.14
CA LEU B 191 16.00 -13.33 1.97
C LEU B 191 17.44 -12.83 1.77
N LEU B 192 17.78 -12.50 0.52
CA LEU B 192 19.12 -11.98 0.21
C LEU B 192 19.20 -10.50 0.58
N GLN B 193 18.27 -10.05 1.42
CA GLN B 193 18.24 -8.67 1.88
C GLN B 193 18.21 -7.66 0.74
N SER B 194 17.91 -8.08 -0.48
CA SER B 194 17.87 -7.15 -1.61
C SER B 194 16.57 -6.39 -1.69
N SER B 195 16.42 -5.66 -2.78
CA SER B 195 15.23 -4.85 -3.00
C SER B 195 14.06 -5.73 -3.43
N TYR B 196 12.84 -5.36 -3.05
CA TYR B 196 11.70 -6.15 -3.50
C TYR B 196 10.57 -5.30 -4.09
N ALA B 197 9.48 -5.96 -4.49
CA ALA B 197 8.34 -5.28 -5.10
C ALA B 197 7.12 -6.17 -5.18
N THR B 198 6.47 -6.16 -6.32
CA THR B 198 5.26 -6.97 -6.52
C THR B 198 5.48 -8.49 -6.60
N PRO B 199 6.53 -8.96 -7.31
CA PRO B 199 6.85 -10.39 -7.47
C PRO B 199 6.95 -11.12 -6.15
N VAL B 200 6.92 -10.33 -5.08
CA VAL B 200 6.99 -10.85 -3.73
C VAL B 200 5.69 -11.56 -3.42
N ASP B 201 4.66 -11.23 -4.17
CA ASP B 201 3.36 -11.87 -3.95
C ASP B 201 3.19 -13.11 -4.83
N LEU B 202 3.84 -13.09 -6.00
CA LEU B 202 3.79 -14.20 -6.94
C LEU B 202 4.52 -15.42 -6.37
N TRP B 203 5.68 -15.17 -5.77
CA TRP B 203 6.45 -16.21 -5.14
C TRP B 203 5.60 -16.77 -4.01
N SER B 204 5.25 -15.90 -3.08
CA SER B 204 4.41 -16.27 -1.95
C SER B 204 3.17 -17.04 -2.43
N VAL B 205 2.94 -17.02 -3.74
CA VAL B 205 1.80 -17.72 -4.33
C VAL B 205 2.25 -19.12 -4.70
N GLY B 206 3.32 -19.21 -5.49
CA GLY B 206 3.84 -20.51 -5.88
C GLY B 206 3.84 -21.41 -4.66
N CYS B 207 4.36 -20.89 -3.56
CA CYS B 207 4.39 -21.65 -2.34
C CYS B 207 2.99 -22.12 -1.97
N ILE B 208 2.05 -21.18 -1.82
CA ILE B 208 0.69 -21.57 -1.47
C ILE B 208 0.08 -22.49 -2.52
N PHE B 209 0.65 -22.48 -3.73
CA PHE B 209 0.15 -23.35 -4.80
C PHE B 209 0.60 -24.75 -4.47
N ALA B 210 1.92 -24.96 -4.50
CA ALA B 210 2.48 -26.26 -4.19
C ALA B 210 1.81 -26.80 -2.93
N GLU B 211 1.66 -25.93 -1.93
CA GLU B 211 1.07 -26.33 -0.65
C GLU B 211 -0.40 -26.74 -0.67
N MET B 212 -0.98 -26.87 -1.86
CA MET B 212 -2.38 -27.29 -1.96
C MET B 212 -2.34 -28.68 -2.55
N PHE B 213 -1.62 -28.82 -3.66
CA PHE B 213 -1.46 -30.11 -4.32
C PHE B 213 -1.04 -31.13 -3.27
N ARG B 214 -0.37 -30.65 -2.23
CA ARG B 214 0.09 -31.53 -1.17
C ARG B 214 0.09 -30.76 0.14
N ARG B 215 -1.01 -30.81 0.89
CA ARG B 215 -1.11 -30.09 2.16
C ARG B 215 0.15 -30.03 3.05
N LYS B 216 1.27 -29.55 2.50
CA LYS B 216 2.53 -29.44 3.24
C LYS B 216 3.49 -28.40 2.62
N PRO B 217 3.82 -27.35 3.38
CA PRO B 217 4.71 -26.21 3.06
C PRO B 217 5.98 -26.54 2.27
N LEU B 218 5.88 -26.42 0.94
CA LEU B 218 6.99 -26.70 0.06
C LEU B 218 8.36 -26.29 0.61
N PHE B 219 8.47 -25.09 1.17
CA PHE B 219 9.76 -24.64 1.70
C PHE B 219 9.90 -24.36 3.18
N ARG B 220 9.91 -25.40 3.99
CA ARG B 220 10.09 -25.24 5.42
C ARG B 220 11.56 -24.89 5.62
N GLY B 221 11.85 -24.04 6.60
CA GLY B 221 13.23 -23.66 6.85
C GLY B 221 13.40 -23.16 8.26
N SER B 222 14.64 -23.06 8.72
CA SER B 222 14.94 -22.61 10.09
C SER B 222 15.50 -21.18 10.23
N SER B 223 16.31 -20.77 9.27
CA SER B 223 16.90 -19.45 9.28
C SER B 223 16.75 -18.88 7.88
N ASP B 224 17.10 -17.61 7.70
CA ASP B 224 17.02 -16.99 6.37
C ASP B 224 17.99 -17.75 5.48
N VAL B 225 19.19 -17.95 6.00
CA VAL B 225 20.27 -18.63 5.29
C VAL B 225 19.85 -20.04 4.87
N ASP B 226 19.13 -20.70 5.76
CA ASP B 226 18.62 -22.05 5.55
C ASP B 226 17.39 -21.99 4.64
N GLN B 227 16.51 -21.05 4.93
CA GLN B 227 15.29 -20.87 4.15
C GLN B 227 15.60 -20.71 2.66
N LEU B 228 16.75 -20.10 2.37
CA LEU B 228 17.21 -19.85 1.00
C LEU B 228 17.58 -21.15 0.29
N GLY B 229 18.39 -21.96 0.99
CA GLY B 229 18.85 -23.23 0.45
C GLY B 229 17.74 -24.23 0.18
N LYS B 230 16.90 -24.50 1.18
CA LYS B 230 15.79 -25.44 1.04
C LYS B 230 15.12 -25.12 -0.30
N ILE B 231 15.00 -23.83 -0.56
CA ILE B 231 14.39 -23.30 -1.78
C ILE B 231 15.32 -23.53 -2.96
N LEU B 232 16.61 -23.43 -2.71
CA LEU B 232 17.59 -23.65 -3.76
C LEU B 232 17.73 -25.13 -4.09
N ASP B 233 17.56 -25.99 -3.09
CA ASP B 233 17.67 -27.42 -3.34
C ASP B 233 16.51 -27.88 -4.18
N VAL B 234 15.40 -27.17 -4.11
CA VAL B 234 14.23 -27.55 -4.88
C VAL B 234 14.29 -26.90 -6.26
N ILE B 235 14.10 -25.60 -6.37
CA ILE B 235 14.15 -24.94 -7.68
C ILE B 235 15.52 -24.96 -8.38
N GLY B 236 16.57 -25.31 -7.66
CA GLY B 236 17.90 -25.34 -8.26
C GLY B 236 18.79 -24.16 -7.91
N LEU B 237 19.69 -23.81 -8.82
CA LEU B 237 20.61 -22.69 -8.61
C LEU B 237 20.73 -21.79 -9.84
N PRO B 238 20.08 -20.61 -9.80
CA PRO B 238 20.07 -19.62 -10.88
C PRO B 238 21.46 -19.24 -11.37
N GLY B 239 21.53 -18.64 -12.56
CA GLY B 239 22.80 -18.24 -13.13
C GLY B 239 23.35 -16.94 -12.59
N GLU B 240 24.31 -16.36 -13.31
CA GLU B 240 24.94 -15.09 -12.91
C GLU B 240 24.04 -13.91 -13.21
N GLU B 241 23.30 -14.03 -14.32
CA GLU B 241 22.39 -12.99 -14.80
C GLU B 241 20.98 -13.11 -14.23
N ASP B 242 20.79 -14.04 -13.30
CA ASP B 242 19.51 -14.26 -12.64
C ASP B 242 19.77 -14.15 -11.13
N TRP B 243 20.92 -13.56 -10.82
CA TRP B 243 21.37 -13.34 -9.45
C TRP B 243 21.70 -11.84 -9.28
N PRO B 244 21.18 -11.21 -8.19
CA PRO B 244 21.42 -9.78 -7.93
C PRO B 244 22.88 -9.34 -7.96
N GLN B 252 29.90 -16.74 -4.64
CA GLN B 252 29.48 -18.12 -4.89
C GLN B 252 29.32 -18.81 -3.54
N ALA B 253 28.16 -18.60 -2.91
CA ALA B 253 27.88 -19.14 -1.59
C ALA B 253 27.26 -20.51 -1.59
N PHE B 254 26.05 -20.54 -2.12
CA PHE B 254 25.28 -21.76 -2.17
C PHE B 254 25.85 -22.70 -3.25
N HIS B 255 25.38 -23.94 -3.24
CA HIS B 255 25.83 -25.01 -4.14
C HIS B 255 25.19 -25.03 -5.51
N SER B 256 25.85 -25.74 -6.43
CA SER B 256 25.45 -25.91 -7.83
C SER B 256 24.86 -27.30 -8.12
N LYS B 257 23.80 -27.67 -7.40
CA LYS B 257 23.16 -28.97 -7.61
C LYS B 257 22.02 -28.89 -8.64
N SER B 258 21.89 -29.94 -9.45
CA SER B 258 20.87 -30.00 -10.49
C SER B 258 19.45 -30.01 -9.94
N ALA B 259 18.75 -28.89 -10.11
CA ALA B 259 17.37 -28.76 -9.65
C ALA B 259 16.67 -30.09 -9.87
N GLN B 260 16.29 -30.75 -8.78
CA GLN B 260 15.62 -32.04 -8.83
C GLN B 260 14.14 -31.85 -9.18
N PRO B 261 13.69 -32.45 -10.29
CA PRO B 261 12.29 -32.34 -10.74
C PRO B 261 11.28 -32.13 -9.61
N ILE B 262 10.49 -31.07 -9.76
CA ILE B 262 9.49 -30.69 -8.77
C ILE B 262 8.47 -31.78 -8.48
N GLU B 263 8.30 -32.70 -9.43
CA GLU B 263 7.35 -33.79 -9.25
C GLU B 263 7.75 -34.63 -8.03
N LYS B 264 8.95 -34.35 -7.51
CA LYS B 264 9.51 -35.05 -6.35
C LYS B 264 9.13 -34.32 -5.06
N PHE B 265 8.79 -33.04 -5.20
CA PHE B 265 8.44 -32.20 -4.06
C PHE B 265 6.95 -31.93 -3.91
N VAL B 266 6.23 -31.83 -5.03
CA VAL B 266 4.79 -31.59 -4.99
C VAL B 266 4.11 -32.77 -5.67
N THR B 267 3.45 -33.61 -4.88
CA THR B 267 2.79 -34.80 -5.40
C THR B 267 1.47 -34.55 -6.13
N ASP B 268 1.29 -35.22 -7.27
CA ASP B 268 0.09 -35.11 -8.10
C ASP B 268 -0.14 -33.71 -8.66
N ILE B 269 0.53 -33.40 -9.76
CA ILE B 269 0.39 -32.10 -10.41
C ILE B 269 0.32 -32.21 -11.93
N ASP B 270 -0.63 -31.49 -12.52
CA ASP B 270 -0.83 -31.50 -13.98
C ASP B 270 0.45 -31.09 -14.69
N GLU B 271 0.49 -31.25 -16.00
CA GLU B 271 1.68 -30.84 -16.74
C GLU B 271 1.64 -29.33 -16.94
N LEU B 272 0.43 -28.79 -16.90
CA LEU B 272 0.24 -27.35 -17.05
C LEU B 272 0.55 -26.72 -15.69
N GLY B 273 -0.23 -27.12 -14.68
CA GLY B 273 -0.01 -26.61 -13.33
C GLY B 273 1.47 -26.63 -13.02
N LYS B 274 2.13 -27.66 -13.56
CA LYS B 274 3.56 -27.86 -13.43
C LYS B 274 4.23 -26.54 -13.81
N ASP B 275 3.95 -26.11 -15.03
CA ASP B 275 4.51 -24.88 -15.54
C ASP B 275 4.11 -23.67 -14.72
N LEU B 276 2.88 -23.63 -14.24
CA LEU B 276 2.42 -22.48 -13.44
C LEU B 276 3.22 -22.33 -12.18
N LEU B 277 3.42 -23.42 -11.45
CA LEU B 277 4.16 -23.34 -10.22
C LEU B 277 5.60 -22.95 -10.50
N LEU B 278 6.12 -23.38 -11.65
CA LEU B 278 7.49 -23.05 -12.00
C LEU B 278 7.59 -21.70 -12.68
N LYS B 279 6.47 -21.01 -12.73
CA LYS B 279 6.39 -19.68 -13.33
C LYS B 279 6.36 -18.71 -12.15
N CYS B 280 5.82 -19.20 -11.02
CA CYS B 280 5.70 -18.44 -9.78
C CYS B 280 6.89 -18.63 -8.85
N LEU B 281 7.45 -19.84 -8.85
CA LEU B 281 8.59 -20.14 -8.01
C LEU B 281 9.85 -20.05 -8.85
N THR B 282 10.02 -18.91 -9.51
CA THR B 282 11.20 -18.62 -10.34
C THR B 282 12.12 -17.86 -9.38
N PHE B 283 13.42 -17.85 -9.63
CA PHE B 283 14.31 -17.12 -8.72
C PHE B 283 14.38 -15.64 -9.07
N ASN B 284 14.79 -15.35 -10.30
CA ASN B 284 14.89 -13.97 -10.76
C ASN B 284 13.44 -13.44 -10.83
N PRO B 285 13.08 -12.53 -9.92
CA PRO B 285 11.73 -11.96 -9.89
C PRO B 285 11.40 -11.16 -11.15
N ALA B 286 12.44 -10.71 -11.85
CA ALA B 286 12.29 -9.92 -13.06
C ALA B 286 11.70 -10.77 -14.19
N LYS B 287 11.64 -12.08 -13.97
CA LYS B 287 11.08 -13.01 -14.96
C LYS B 287 9.75 -13.55 -14.42
N ARG B 288 9.74 -13.89 -13.12
CA ARG B 288 8.56 -14.43 -12.46
C ARG B 288 7.22 -13.86 -12.94
N ILE B 289 6.39 -14.70 -13.56
CA ILE B 289 5.09 -14.29 -14.11
C ILE B 289 4.27 -13.34 -13.20
N SER B 290 3.48 -12.46 -13.82
CA SER B 290 2.64 -11.51 -13.09
C SER B 290 1.21 -12.02 -12.84
N ALA B 291 0.65 -11.68 -11.69
CA ALA B 291 -0.72 -12.10 -11.34
C ALA B 291 -1.68 -11.95 -12.50
N TYR B 292 -1.47 -10.89 -13.29
CA TYR B 292 -2.32 -10.63 -14.44
C TYR B 292 -2.28 -11.80 -15.40
N SER B 293 -1.14 -11.99 -16.07
CA SER B 293 -0.99 -13.09 -17.04
C SER B 293 -1.06 -14.51 -16.44
N ALA B 294 -0.83 -14.63 -15.14
CA ALA B 294 -0.90 -15.93 -14.49
C ALA B 294 -2.33 -16.42 -14.65
N LEU B 295 -3.29 -15.49 -14.70
CA LEU B 295 -4.69 -15.85 -14.87
C LEU B 295 -4.90 -16.15 -16.35
N SER B 296 -3.98 -15.69 -17.19
CA SER B 296 -4.04 -15.91 -18.64
C SER B 296 -3.28 -17.21 -18.99
N HIS B 297 -2.80 -17.90 -17.95
CA HIS B 297 -2.05 -19.14 -18.09
C HIS B 297 -2.93 -20.37 -18.34
N PRO B 298 -2.54 -21.22 -19.32
CA PRO B 298 -3.23 -22.45 -19.72
C PRO B 298 -3.87 -23.26 -18.60
N TYR B 299 -3.15 -23.46 -17.49
CA TYR B 299 -3.68 -24.23 -16.37
C TYR B 299 -5.11 -23.84 -16.00
N PHE B 300 -5.56 -22.68 -16.48
CA PHE B 300 -6.90 -22.16 -16.18
C PHE B 300 -7.87 -22.21 -17.37
#